data_3DXN
#
_entry.id   3DXN
#
_cell.length_a   121.345
_cell.length_b   121.345
_cell.length_c   45.521
_cell.angle_alpha   90.000
_cell.angle_beta   90.000
_cell.angle_gamma   90.000
#
_symmetry.space_group_name_H-M   'I 4'
#
loop_
_entity.id
_entity.type
_entity.pdbx_description
1 polymer 'Calmodulin-like domain protein kinase isoform 3'
2 water water
#
_entity_poly.entity_id   1
_entity_poly.type   'polypeptide(L)'
_entity_poly.pdbx_seq_one_letter_code
;MHHHHHHSSGRENLYFQGLSDRYQRVKKLGSGAYGEVLLCKDKLTGAERAIKIIKKSSVTTTSNSGALLDEVAVLKQLDH
PNIMKLYEFFEDKRNYYLVMEVYRGGELFDEIILRQKFSEVDAAVIMKQVLSGTTYLHKHNIVHRDLKPENLLLESKSRD
ALIKIVDFGLSAHFEVGGKMKERLGTAYYIAPEVLRKKYDEKCDVWSCGVILYILLCGYPPFGGQTDQEILKRVEKGKFS
FDPPDWTQVSDEAKQLVKLMLTYEPSKRISAEEALNHPWIVKFCSQK
;
_entity_poly.pdbx_strand_id   A
#
# COMPACT_ATOMS: atom_id res chain seq x y z
N LEU A 19 -15.10 -10.56 -21.97
CA LEU A 19 -14.19 -9.45 -21.53
C LEU A 19 -14.80 -8.08 -21.84
N SER A 20 -15.17 -7.89 -23.11
CA SER A 20 -15.74 -6.62 -23.58
C SER A 20 -17.28 -6.65 -23.62
N ASP A 21 -17.84 -7.84 -23.48
CA ASP A 21 -19.29 -8.04 -23.56
C ASP A 21 -20.01 -7.64 -22.27
N ARG A 22 -19.38 -7.95 -21.13
CA ARG A 22 -19.98 -7.74 -19.82
C ARG A 22 -19.91 -6.30 -19.32
N TYR A 23 -18.78 -5.63 -19.57
CA TYR A 23 -18.54 -4.29 -19.01
C TYR A 23 -18.34 -3.18 -20.04
N GLN A 24 -18.84 -2.00 -19.71
CA GLN A 24 -18.71 -0.81 -20.56
C GLN A 24 -17.74 0.18 -19.91
N ARG A 25 -16.68 0.53 -20.64
CA ARG A 25 -15.68 1.47 -20.15
C ARG A 25 -16.21 2.90 -20.05
N VAL A 26 -15.99 3.53 -18.90
CA VAL A 26 -16.33 4.93 -18.69
C VAL A 26 -15.07 5.79 -18.82
N LYS A 27 -14.04 5.43 -18.04
CA LYS A 27 -12.77 6.16 -18.05
C LYS A 27 -11.62 5.31 -17.51
N LYS A 28 -10.39 5.71 -17.82
CA LYS A 28 -9.20 5.09 -17.26
C LYS A 28 -8.95 5.65 -15.87
N LEU A 29 -8.58 4.79 -14.93
CA LEU A 29 -8.34 5.20 -13.55
C LEU A 29 -6.86 5.22 -13.18
N GLY A 30 -6.10 4.24 -13.69
CA GLY A 30 -4.68 4.14 -13.37
C GLY A 30 -3.88 3.20 -14.26
N SER A 31 -2.55 3.25 -14.09
CA SER A 31 -1.61 2.42 -14.84
C SER A 31 -0.39 2.08 -14.00
N TYR A 34 1.34 -3.57 -12.45
CA TYR A 34 0.72 -4.80 -12.94
C TYR A 34 0.01 -4.60 -14.28
N GLY A 35 -0.72 -3.50 -14.41
CA GLY A 35 -1.44 -3.18 -15.65
C GLY A 35 -2.29 -1.94 -15.55
N GLU A 36 -3.40 -1.93 -16.30
CA GLU A 36 -4.29 -0.78 -16.38
C GLU A 36 -5.54 -0.99 -15.54
N VAL A 37 -6.06 0.09 -14.97
CA VAL A 37 -7.31 0.06 -14.20
C VAL A 37 -8.36 0.95 -14.86
N LEU A 38 -9.54 0.38 -15.12
CA LEU A 38 -10.62 1.11 -15.77
C LEU A 38 -11.87 1.20 -14.90
N LEU A 39 -12.55 2.34 -14.99
CA LEU A 39 -13.88 2.49 -14.40
C LEU A 39 -14.92 1.98 -15.40
N CYS A 40 -15.66 0.96 -15.00
CA CYS A 40 -16.60 0.31 -15.90
C CYS A 40 -18.01 0.16 -15.32
N LYS A 41 -19.00 0.17 -16.20
CA LYS A 41 -20.39 -0.06 -15.83
C LYS A 41 -20.83 -1.45 -16.26
N ASP A 42 -21.61 -2.12 -15.40
CA ASP A 42 -22.15 -3.43 -15.71
C ASP A 42 -23.28 -3.30 -16.73
N LYS A 43 -23.10 -3.93 -17.89
CA LYS A 43 -24.05 -3.85 -18.99
C LYS A 43 -25.37 -4.53 -18.66
N THR A 45 -27.64 -6.08 -13.42
CA THR A 45 -26.98 -5.06 -12.61
C THR A 45 -26.46 -3.91 -13.47
N GLY A 46 -26.44 -2.71 -12.90
CA GLY A 46 -25.92 -1.52 -13.57
C GLY A 46 -24.92 -0.77 -12.71
N ALA A 47 -24.30 -1.46 -11.77
CA ALA A 47 -23.35 -0.87 -10.82
C ALA A 47 -22.01 -0.57 -11.47
N GLU A 48 -21.32 0.45 -10.93
CA GLU A 48 -20.00 0.83 -11.41
C GLU A 48 -18.89 0.08 -10.68
N ARG A 49 -17.88 -0.35 -11.42
CA ARG A 49 -16.79 -1.16 -10.88
C ARG A 49 -15.43 -0.66 -11.39
N ALA A 50 -14.38 -0.94 -10.62
CA ALA A 50 -13.01 -0.69 -11.06
C ALA A 50 -12.37 -2.01 -11.45
N ILE A 51 -11.99 -2.13 -12.72
CA ILE A 51 -11.45 -3.37 -13.25
C ILE A 51 -9.97 -3.23 -13.59
N LYS A 52 -9.15 -4.07 -12.97
CA LYS A 52 -7.72 -4.11 -13.23
C LYS A 52 -7.44 -5.16 -14.31
N ILE A 53 -6.78 -4.72 -15.37
CA ILE A 53 -6.38 -5.62 -16.46
C ILE A 53 -4.89 -5.94 -16.29
N ILE A 54 -4.59 -7.19 -15.96
CA ILE A 54 -3.21 -7.65 -15.82
C ILE A 54 -2.81 -8.51 -17.00
N LYS A 55 -1.85 -8.03 -17.79
CA LYS A 55 -1.34 -8.78 -18.94
C LYS A 55 -0.40 -9.89 -18.49
N LYS A 56 -0.63 -11.10 -19.00
CA LYS A 56 0.19 -12.28 -18.70
C LYS A 56 1.67 -12.06 -19.01
N SER A 57 1.93 -11.37 -20.11
CA SER A 57 3.30 -11.10 -20.58
C SER A 57 4.06 -10.13 -19.68
N SER A 58 3.33 -9.23 -19.02
CA SER A 58 3.92 -8.20 -18.16
C SER A 58 4.38 -8.74 -16.80
N VAL A 59 3.85 -9.89 -16.40
CA VAL A 59 4.16 -10.47 -15.09
C VAL A 59 4.82 -11.85 -15.18
N THR A 60 5.72 -12.11 -14.23
CA THR A 60 6.34 -13.43 -14.10
C THR A 60 5.68 -14.19 -12.95
N THR A 61 5.12 -15.36 -13.27
CA THR A 61 4.38 -16.17 -12.29
C THR A 61 5.30 -16.85 -11.27
N THR A 62 4.88 -16.82 -10.01
CA THR A 62 5.66 -17.37 -8.89
C THR A 62 4.97 -18.55 -8.22
N SER A 63 3.78 -18.89 -8.69
CA SER A 63 2.98 -19.99 -8.14
C SER A 63 2.36 -20.84 -9.25
N ASN A 64 1.74 -21.96 -8.85
CA ASN A 64 1.04 -22.83 -9.80
C ASN A 64 -0.34 -22.29 -10.18
N SER A 65 -1.00 -22.96 -11.13
CA SER A 65 -2.30 -22.53 -11.65
C SER A 65 -3.45 -22.64 -10.63
N GLY A 66 -3.31 -23.57 -9.68
CA GLY A 66 -4.36 -23.82 -8.68
C GLY A 66 -4.22 -23.01 -7.40
N ALA A 67 -3.10 -22.29 -7.26
CA ALA A 67 -2.83 -21.50 -6.06
C ALA A 67 -3.45 -20.12 -6.10
N LEU A 68 -3.52 -19.53 -7.30
CA LEU A 68 -4.09 -18.19 -7.49
C LEU A 68 -5.61 -18.20 -7.30
N LEU A 69 -6.28 -19.21 -7.86
CA LEU A 69 -7.73 -19.37 -7.75
C LEU A 69 -8.18 -19.62 -6.30
N ASP A 70 -7.33 -20.29 -5.53
CA ASP A 70 -7.59 -20.56 -4.13
C ASP A 70 -7.49 -19.29 -3.29
N GLU A 71 -6.52 -18.43 -3.62
CA GLU A 71 -6.33 -17.16 -2.94
C GLU A 71 -7.44 -16.16 -3.28
N VAL A 72 -7.88 -16.18 -4.53
CA VAL A 72 -9.01 -15.35 -4.99
C VAL A 72 -10.28 -15.64 -4.18
N ALA A 73 -10.52 -16.92 -3.89
CA ALA A 73 -11.65 -17.35 -3.07
C ALA A 73 -11.60 -16.74 -1.66
N VAL A 74 -10.39 -16.53 -1.15
CA VAL A 74 -10.18 -15.88 0.15
C VAL A 74 -10.32 -14.36 0.01
N LEU A 75 -9.75 -13.80 -1.06
CA LEU A 75 -9.75 -12.36 -1.29
C LEU A 75 -11.16 -11.79 -1.49
N LYS A 76 -12.05 -12.60 -2.03
CA LYS A 76 -13.45 -12.22 -2.22
C LYS A 76 -14.22 -12.14 -0.89
N GLN A 77 -13.74 -12.87 0.11
CA GLN A 77 -14.39 -12.93 1.42
C GLN A 77 -14.01 -11.76 2.33
N LEU A 78 -12.88 -11.12 2.04
CA LEU A 78 -12.38 -10.00 2.83
C LEU A 78 -13.37 -8.82 2.86
N ASP A 79 -13.67 -8.36 4.06
CA ASP A 79 -14.64 -7.28 4.27
C ASP A 79 -14.11 -6.29 5.30
N HIS A 80 -13.58 -5.18 4.82
CA HIS A 80 -13.01 -4.14 5.68
C HIS A 80 -13.10 -2.77 4.99
N PRO A 81 -13.46 -1.72 5.75
CA PRO A 81 -13.59 -0.35 5.22
C PRO A 81 -12.35 0.18 4.50
N ASN A 82 -11.18 -0.32 4.87
CA ASN A 82 -9.91 0.16 4.32
C ASN A 82 -9.24 -0.83 3.37
N ILE A 83 -10.05 -1.74 2.84
CA ILE A 83 -9.57 -2.76 1.91
C ILE A 83 -10.51 -2.82 0.70
N MET A 84 -9.93 -2.71 -0.50
CA MET A 84 -10.70 -2.83 -1.74
C MET A 84 -11.41 -4.17 -1.82
N LYS A 85 -12.72 -4.12 -1.99
CA LYS A 85 -13.53 -5.32 -2.14
C LYS A 85 -13.32 -5.92 -3.53
N LEU A 86 -13.06 -7.22 -3.58
CA LEU A 86 -12.94 -7.94 -4.85
C LEU A 86 -14.24 -8.70 -5.12
N TYR A 87 -14.85 -8.41 -6.27
CA TYR A 87 -16.10 -9.04 -6.66
C TYR A 87 -15.90 -10.24 -7.58
N GLU A 88 -15.16 -10.04 -8.67
CA GLU A 88 -14.98 -11.07 -9.68
C GLU A 88 -13.53 -11.22 -10.13
N PHE A 89 -13.20 -12.43 -10.58
CA PHE A 89 -11.89 -12.72 -11.15
C PHE A 89 -12.07 -13.55 -12.42
N PHE A 90 -11.79 -12.92 -13.57
CA PHE A 90 -11.91 -13.59 -14.87
C PHE A 90 -10.56 -13.90 -15.48
N GLU A 91 -10.56 -14.84 -16.43
CA GLU A 91 -9.37 -15.19 -17.18
C GLU A 91 -9.68 -15.45 -18.65
N ASP A 92 -8.71 -15.12 -19.50
CA ASP A 92 -8.69 -15.58 -20.88
C ASP A 92 -7.24 -15.91 -21.27
N LYS A 93 -7.00 -16.10 -22.57
CA LYS A 93 -5.65 -16.44 -23.05
C LYS A 93 -4.69 -15.24 -22.98
N ARG A 94 -5.23 -14.06 -22.67
CA ARG A 94 -4.47 -12.82 -22.75
C ARG A 94 -4.26 -12.10 -21.41
N ASN A 95 -5.33 -11.97 -20.63
CA ASN A 95 -5.31 -11.14 -19.43
C ASN A 95 -5.95 -11.76 -18.19
N TYR A 96 -5.57 -11.24 -17.02
CA TYR A 96 -6.31 -11.45 -15.78
C TYR A 96 -7.23 -10.25 -15.56
N TYR A 97 -8.48 -10.52 -15.16
CA TYR A 97 -9.45 -9.46 -14.89
C TYR A 97 -9.90 -9.48 -13.44
N LEU A 98 -9.59 -8.42 -12.72
CA LEU A 98 -9.99 -8.27 -11.32
C LEU A 98 -11.04 -7.17 -11.18
N VAL A 99 -12.29 -7.58 -10.95
CA VAL A 99 -13.40 -6.64 -10.79
C VAL A 99 -13.55 -6.24 -9.32
N MET A 100 -13.24 -4.97 -9.05
CA MET A 100 -13.27 -4.45 -7.69
C MET A 100 -14.35 -3.39 -7.54
N GLU A 101 -14.53 -2.89 -6.32
CA GLU A 101 -15.40 -1.75 -6.06
C GLU A 101 -14.84 -0.48 -6.71
N VAL A 102 -15.71 0.50 -6.93
CA VAL A 102 -15.31 1.77 -7.54
C VAL A 102 -14.47 2.63 -6.59
N TYR A 103 -13.55 3.41 -7.16
CA TYR A 103 -12.86 4.48 -6.45
C TYR A 103 -12.66 5.67 -7.39
N ARG A 104 -12.94 6.87 -6.88
CA ARG A 104 -12.97 8.08 -7.71
C ARG A 104 -11.98 9.15 -7.25
N GLY A 105 -11.30 8.91 -6.13
CA GLY A 105 -10.39 9.89 -5.55
C GLY A 105 -8.92 9.68 -5.91
N GLY A 106 -8.65 8.79 -6.87
CA GLY A 106 -7.28 8.47 -7.28
C GLY A 106 -6.49 7.76 -6.20
N GLU A 107 -5.18 7.97 -6.21
CA GLU A 107 -4.26 7.31 -5.28
C GLU A 107 -3.68 8.32 -4.29
N LEU A 108 -3.12 7.82 -3.20
CA LEU A 108 -2.43 8.67 -2.23
C LEU A 108 -1.22 9.36 -2.88
N PHE A 109 -0.58 8.65 -3.82
CA PHE A 109 0.52 9.19 -4.61
C PHE A 109 0.18 10.55 -5.25
N ASP A 110 -1.05 10.68 -5.76
CA ASP A 110 -1.53 11.93 -6.34
C ASP A 110 -1.59 13.05 -5.31
N GLU A 111 -2.12 12.74 -4.14
CA GLU A 111 -2.24 13.70 -3.04
C GLU A 111 -0.88 14.17 -2.51
N ILE A 112 0.11 13.27 -2.56
CA ILE A 112 1.48 13.60 -2.14
C ILE A 112 2.10 14.64 -3.09
N ILE A 113 1.86 14.49 -4.40
CA ILE A 113 2.30 15.48 -5.38
C ILE A 113 1.61 16.83 -5.13
N LEU A 114 0.30 16.78 -4.86
CA LEU A 114 -0.50 17.98 -4.66
C LEU A 114 -0.17 18.72 -3.37
N ARG A 115 -0.01 17.98 -2.27
CA ARG A 115 0.20 18.57 -0.95
C ARG A 115 1.68 18.72 -0.57
N GLN A 116 2.52 17.88 -1.18
CA GLN A 116 3.96 17.81 -0.91
C GLN A 116 4.27 17.21 0.47
N LYS A 117 3.78 17.85 1.53
CA LYS A 117 3.81 17.26 2.86
C LYS A 117 2.46 17.44 3.56
N PHE A 118 2.17 16.55 4.50
CA PHE A 118 0.88 16.53 5.18
C PHE A 118 1.02 17.02 6.62
N SER A 119 -0.05 17.58 7.15
CA SER A 119 -0.12 17.94 8.57
C SER A 119 -0.19 16.65 9.39
N GLU A 120 0.22 16.73 10.65
CA GLU A 120 0.24 15.54 11.51
C GLU A 120 -1.14 14.95 11.76
N VAL A 121 -2.16 15.81 11.79
CA VAL A 121 -3.54 15.36 11.93
C VAL A 121 -4.02 14.57 10.69
N ASP A 122 -3.74 15.10 9.50
CA ASP A 122 -4.12 14.45 8.25
C ASP A 122 -3.32 13.18 7.98
N ALA A 123 -2.05 13.18 8.37
CA ALA A 123 -1.19 12.02 8.24
C ALA A 123 -1.66 10.87 9.14
N ALA A 124 -2.03 11.21 10.37
CA ALA A 124 -2.54 10.23 11.34
C ALA A 124 -3.88 9.64 10.90
N VAL A 125 -4.73 10.48 10.31
CA VAL A 125 -6.02 10.05 9.77
C VAL A 125 -5.82 9.03 8.64
N ILE A 126 -4.88 9.32 7.75
CA ILE A 126 -4.51 8.42 6.65
C ILE A 126 -3.87 7.14 7.19
N MET A 127 -2.88 7.29 8.08
CA MET A 127 -2.14 6.15 8.60
C MET A 127 -2.98 5.22 9.47
N LYS A 128 -3.94 5.77 10.20
CA LYS A 128 -4.88 4.95 10.96
C LYS A 128 -5.62 3.97 10.04
N GLN A 129 -6.05 4.47 8.88
CA GLN A 129 -6.74 3.67 7.88
C GLN A 129 -5.82 2.64 7.23
N VAL A 130 -4.63 3.06 6.80
CA VAL A 130 -3.63 2.15 6.24
C VAL A 130 -3.31 1.02 7.23
N LEU A 131 -3.12 1.38 8.49
CA LEU A 131 -2.80 0.40 9.53
C LEU A 131 -3.98 -0.47 9.94
N SER A 132 -5.21 0.07 9.86
CA SER A 132 -6.42 -0.72 10.11
C SER A 132 -6.57 -1.82 9.07
N GLY A 133 -6.38 -1.46 7.80
CA GLY A 133 -6.46 -2.41 6.69
C GLY A 133 -5.35 -3.45 6.74
N THR A 134 -4.14 -2.99 7.05
CA THR A 134 -2.98 -3.86 7.16
C THR A 134 -3.14 -4.87 8.30
N THR A 135 -3.62 -4.37 9.45
CA THR A 135 -3.93 -5.22 10.60
C THR A 135 -4.94 -6.32 10.24
N TYR A 136 -5.99 -5.93 9.53
CA TYR A 136 -7.02 -6.87 9.08
C TYR A 136 -6.44 -7.93 8.12
N LEU A 137 -5.58 -7.50 7.21
CA LEU A 137 -4.93 -8.42 6.26
C LEU A 137 -4.05 -9.44 6.98
N HIS A 138 -3.29 -8.96 7.96
CA HIS A 138 -2.37 -9.78 8.74
C HIS A 138 -3.12 -10.82 9.60
N LYS A 139 -4.36 -10.50 9.95
CA LYS A 139 -5.22 -11.39 10.74
C LYS A 139 -5.73 -12.58 9.92
N HIS A 140 -5.46 -12.57 8.62
CA HIS A 140 -5.87 -13.65 7.73
C HIS A 140 -4.67 -14.21 6.95
N ASN A 141 -3.48 -14.01 7.53
CA ASN A 141 -2.20 -14.44 6.95
C ASN A 141 -1.92 -13.92 5.53
N ILE A 142 -2.35 -12.69 5.28
CA ILE A 142 -2.07 -12.02 4.02
C ILE A 142 -1.05 -10.92 4.27
N VAL A 143 0.10 -11.03 3.60
CA VAL A 143 1.11 -9.96 3.62
C VAL A 143 1.10 -9.27 2.26
N HIS A 144 1.08 -7.94 2.28
CA HIS A 144 1.02 -7.16 1.04
C HIS A 144 2.37 -7.16 0.34
N ARG A 145 3.43 -6.82 1.09
CA ARG A 145 4.82 -6.77 0.59
C ARG A 145 5.12 -5.59 -0.34
N ASP A 146 4.09 -5.08 -1.03
CA ASP A 146 4.27 -4.00 -2.00
CA ASP A 146 4.27 -3.99 -1.99
C ASP A 146 3.48 -2.74 -1.60
N LEU A 147 3.41 -2.46 -0.30
CA LEU A 147 2.68 -1.28 0.17
C LEU A 147 3.39 0.01 -0.22
N LYS A 148 2.65 0.88 -0.90
CA LYS A 148 3.14 2.17 -1.38
C LYS A 148 1.96 3.10 -1.66
N PRO A 149 2.20 4.42 -1.76
CA PRO A 149 1.11 5.39 -2.00
C PRO A 149 0.25 5.07 -3.23
N GLU A 150 0.87 4.52 -4.27
CA GLU A 150 0.15 4.07 -5.47
C GLU A 150 -0.91 3.00 -5.17
N ASN A 151 -0.66 2.19 -4.15
CA ASN A 151 -1.56 1.10 -3.74
C ASN A 151 -2.55 1.50 -2.65
N LEU A 152 -2.56 2.78 -2.31
CA LEU A 152 -3.48 3.33 -1.32
C LEU A 152 -4.46 4.26 -2.02
N LEU A 153 -5.68 3.77 -2.19
CA LEU A 153 -6.66 4.44 -3.05
C LEU A 153 -7.67 5.24 -2.25
N LEU A 154 -8.10 6.36 -2.82
CA LEU A 154 -9.15 7.17 -2.23
C LEU A 154 -10.50 6.84 -2.85
N GLU A 155 -11.48 6.58 -1.98
CA GLU A 155 -12.83 6.19 -2.39
C GLU A 155 -13.51 7.25 -3.25
N SER A 156 -13.35 8.51 -2.86
CA SER A 156 -13.97 9.65 -3.54
C SER A 156 -13.16 10.93 -3.37
N LYS A 157 -13.73 12.04 -3.84
CA LYS A 157 -13.08 13.35 -3.73
C LYS A 157 -13.64 14.14 -2.54
N SER A 158 -13.47 13.59 -1.35
CA SER A 158 -13.95 14.21 -0.12
C SER A 158 -13.04 13.90 1.06
N ASP A 160 -12.83 13.20 4.28
CA ASP A 160 -13.94 12.29 4.54
C ASP A 160 -13.80 10.96 3.80
N ALA A 161 -13.14 10.99 2.65
CA ALA A 161 -12.99 9.80 1.79
C ALA A 161 -12.12 8.73 2.41
N LEU A 162 -12.59 7.48 2.35
CA LEU A 162 -11.86 6.35 2.90
C LEU A 162 -10.65 5.97 2.05
N ILE A 163 -9.54 5.66 2.74
CA ILE A 163 -8.37 5.06 2.12
C ILE A 163 -8.60 3.56 2.02
N LYS A 164 -8.40 2.99 0.84
CA LYS A 164 -8.57 1.56 0.62
C LYS A 164 -7.33 0.92 -0.01
N ILE A 165 -6.82 -0.12 0.64
CA ILE A 165 -5.64 -0.84 0.19
C ILE A 165 -5.97 -1.74 -1.00
N VAL A 166 -5.14 -1.66 -2.04
CA VAL A 166 -5.30 -2.49 -3.23
C VAL A 166 -4.03 -3.31 -3.50
N ASP A 167 -4.17 -4.36 -4.32
CA ASP A 167 -3.06 -5.21 -4.77
C ASP A 167 -2.48 -6.16 -3.71
N PHE A 168 -3.21 -6.34 -2.61
CA PHE A 168 -2.87 -7.35 -1.61
C PHE A 168 -3.06 -8.75 -2.19
N GLY A 169 -2.24 -9.70 -1.72
CA GLY A 169 -2.33 -11.09 -2.18
C GLY A 169 -1.80 -11.35 -3.58
N LEU A 170 -1.21 -10.32 -4.21
CA LEU A 170 -0.65 -10.46 -5.56
C LEU A 170 0.85 -10.75 -5.55
N SER A 171 1.54 -10.28 -4.51
CA SER A 171 2.99 -10.48 -4.37
C SER A 171 3.37 -11.95 -4.16
N ALA A 172 2.40 -12.75 -3.75
CA ALA A 172 2.60 -14.19 -3.55
C ALA A 172 2.42 -14.99 -4.84
N HIS A 173 2.09 -14.29 -5.93
CA HIS A 173 1.80 -14.95 -7.21
C HIS A 173 2.56 -14.36 -8.40
N PHE A 174 2.80 -13.05 -8.37
CA PHE A 174 3.52 -12.36 -9.45
C PHE A 174 4.73 -11.60 -8.91
N GLU A 182 9.03 -2.76 -11.14
CA GLU A 182 10.13 -2.37 -10.26
C GLU A 182 10.56 -0.93 -10.47
N ARG A 183 10.51 -0.47 -11.72
CA ARG A 183 10.89 0.90 -12.08
C ARG A 183 9.87 1.94 -11.62
N LEU A 184 8.82 1.48 -10.93
CA LEU A 184 7.78 2.34 -10.39
C LEU A 184 8.10 2.80 -8.96
N GLY A 185 9.39 2.98 -8.69
CA GLY A 185 9.87 3.41 -7.37
C GLY A 185 9.41 2.53 -6.23
N THR A 186 9.63 1.22 -6.37
CA THR A 186 9.24 0.25 -5.34
C THR A 186 10.37 0.02 -4.32
N ALA A 187 11.58 0.45 -4.69
CA ALA A 187 12.77 0.31 -3.85
C ALA A 187 12.70 1.17 -2.58
N TYR A 188 12.00 2.30 -2.67
CA TYR A 188 11.83 3.21 -1.54
C TYR A 188 11.18 2.55 -0.33
N TYR A 189 10.22 1.67 -0.59
CA TYR A 189 9.30 1.16 0.43
C TYR A 189 9.61 -0.27 0.87
N ILE A 190 10.56 -0.91 0.19
CA ILE A 190 10.89 -2.31 0.44
C ILE A 190 11.65 -2.49 1.76
N ALA A 191 11.25 -3.51 2.53
CA ALA A 191 11.93 -3.87 3.76
C ALA A 191 13.24 -4.60 3.45
N PRO A 192 14.30 -4.36 4.26
CA PRO A 192 15.61 -5.01 4.08
C PRO A 192 15.56 -6.55 4.07
N GLU A 193 14.57 -7.13 4.74
CA GLU A 193 14.42 -8.59 4.81
C GLU A 193 13.99 -9.19 3.47
N VAL A 194 13.19 -8.43 2.73
CA VAL A 194 12.72 -8.86 1.41
C VAL A 194 13.91 -8.97 0.45
N LEU A 195 14.90 -8.09 0.62
CA LEU A 195 16.15 -8.15 -0.12
C LEU A 195 17.02 -9.33 0.30
N ARG A 196 16.91 -9.73 1.57
CA ARG A 196 17.61 -10.90 2.09
C ARG A 196 16.81 -12.19 1.82
N LYS A 197 15.67 -12.04 1.17
CA LYS A 197 14.78 -13.16 0.79
C LYS A 197 14.26 -13.98 1.98
N LYS A 198 13.96 -13.29 3.09
CA LYS A 198 13.44 -13.93 4.29
C LYS A 198 12.55 -12.96 5.07
N TYR A 199 11.29 -12.88 4.66
CA TYR A 199 10.35 -11.91 5.22
C TYR A 199 9.03 -12.53 5.70
N ASP A 200 8.32 -11.78 6.54
CA ASP A 200 6.96 -12.12 6.96
C ASP A 200 6.06 -10.88 6.90
N GLU A 201 5.08 -10.79 7.80
CA GLU A 201 4.14 -9.67 7.79
C GLU A 201 4.77 -8.34 8.23
N LYS A 202 5.88 -8.41 8.97
CA LYS A 202 6.55 -7.22 9.49
C LYS A 202 7.11 -6.30 8.41
N CYS A 203 7.30 -6.85 7.20
CA CYS A 203 7.77 -6.05 6.05
C CYS A 203 6.75 -4.99 5.64
N ASP A 204 5.48 -5.24 5.93
CA ASP A 204 4.41 -4.27 5.67
C ASP A 204 4.48 -3.08 6.63
N VAL A 205 4.88 -3.34 7.87
CA VAL A 205 5.04 -2.28 8.86
C VAL A 205 6.16 -1.33 8.44
N TRP A 206 7.25 -1.89 7.94
CA TRP A 206 8.37 -1.11 7.39
C TRP A 206 7.89 -0.20 6.26
N SER A 207 7.20 -0.78 5.28
CA SER A 207 6.63 -0.04 4.16
C SER A 207 5.73 1.10 4.66
N CYS A 208 4.91 0.81 5.66
CA CYS A 208 4.03 1.81 6.28
C CYS A 208 4.83 2.94 6.95
N GLY A 209 5.96 2.59 7.56
CA GLY A 209 6.88 3.56 8.17
C GLY A 209 7.49 4.51 7.15
N VAL A 210 7.89 3.96 6.00
CA VAL A 210 8.43 4.74 4.90
C VAL A 210 7.38 5.72 4.36
N ILE A 211 6.15 5.22 4.18
CA ILE A 211 5.03 6.05 3.75
C ILE A 211 4.78 7.20 4.73
N LEU A 212 4.75 6.87 6.03
CA LEU A 212 4.54 7.86 7.09
C LEU A 212 5.64 8.94 7.08
N TYR A 213 6.89 8.50 6.97
CA TYR A 213 8.05 9.40 6.84
C TYR A 213 7.82 10.39 5.71
N ILE A 214 7.42 9.88 4.54
CA ILE A 214 7.17 10.70 3.36
C ILE A 214 6.02 11.69 3.58
N LEU A 215 4.97 11.24 4.24
CA LEU A 215 3.80 12.08 4.55
C LEU A 215 4.18 13.27 5.44
N LEU A 216 5.14 13.05 6.33
CA LEU A 216 5.51 14.07 7.32
C LEU A 216 6.49 15.13 6.80
N CYS A 217 7.37 14.76 5.89
CA CYS A 217 8.41 15.68 5.42
C CYS A 217 8.42 15.95 3.91
N GLY A 218 7.87 15.03 3.12
CA GLY A 218 7.80 15.19 1.66
C GLY A 218 8.86 14.48 0.85
N TYR A 219 9.73 13.72 1.53
CA TYR A 219 10.79 12.97 0.86
C TYR A 219 11.03 11.61 1.55
N PRO A 220 11.55 10.63 0.79
CA PRO A 220 11.82 9.29 1.35
C PRO A 220 12.97 9.27 2.37
N PRO A 221 12.90 8.36 3.36
CA PRO A 221 13.98 8.20 4.35
C PRO A 221 15.23 7.57 3.75
N PHE A 222 15.05 6.80 2.68
CA PHE A 222 16.15 6.19 1.96
C PHE A 222 16.02 6.55 0.49
N GLY A 223 16.72 7.61 0.09
CA GLY A 223 16.62 8.15 -1.26
C GLY A 223 17.75 7.73 -2.17
N GLY A 224 17.90 8.45 -3.28
CA GLY A 224 18.93 8.15 -4.28
C GLY A 224 18.42 8.35 -5.70
N GLN A 225 19.36 8.62 -6.61
CA GLN A 225 19.05 8.87 -8.02
C GLN A 225 18.65 7.60 -8.75
N THR A 226 19.29 6.49 -8.42
CA THR A 226 19.02 5.19 -9.04
C THR A 226 18.53 4.17 -8.01
N ASP A 227 17.87 3.12 -8.47
CA ASP A 227 17.37 2.04 -7.61
C ASP A 227 18.48 1.35 -6.82
N GLN A 228 19.66 1.25 -7.42
CA GLN A 228 20.80 0.59 -6.79
C GLN A 228 21.29 1.31 -5.53
N GLU A 229 21.39 2.64 -5.61
CA GLU A 229 21.84 3.43 -4.47
C GLU A 229 20.75 3.63 -3.41
N ILE A 230 19.49 3.46 -3.81
CA ILE A 230 18.36 3.46 -2.88
C ILE A 230 18.39 2.18 -2.04
N LEU A 231 18.53 1.04 -2.72
CA LEU A 231 18.55 -0.27 -2.06
C LEU A 231 19.72 -0.47 -1.10
N LYS A 232 20.84 0.20 -1.38
CA LYS A 232 22.01 0.15 -0.51
C LYS A 232 21.79 0.95 0.78
N ARG A 233 21.04 2.05 0.69
CA ARG A 233 20.68 2.84 1.86
CA ARG A 233 20.68 2.84 1.86
C ARG A 233 19.65 2.11 2.72
N VAL A 234 18.76 1.36 2.06
CA VAL A 234 17.75 0.54 2.73
C VAL A 234 18.44 -0.60 3.50
N GLU A 235 19.41 -1.23 2.84
CA GLU A 235 20.20 -2.32 3.43
C GLU A 235 21.02 -1.84 4.63
N LYS A 236 21.51 -0.61 4.56
CA LYS A 236 22.20 0.02 5.68
C LYS A 236 21.24 0.35 6.82
N GLY A 237 20.02 0.74 6.46
CA GLY A 237 18.95 0.98 7.44
C GLY A 237 18.98 2.32 8.13
N LYS A 238 19.98 3.13 7.83
CA LYS A 238 20.17 4.42 8.49
C LYS A 238 19.33 5.54 7.85
N PHE A 239 18.66 6.29 8.71
CA PHE A 239 17.86 7.44 8.29
C PHE A 239 17.94 8.54 9.34
N SER A 240 17.58 9.76 8.96
CA SER A 240 17.65 10.91 9.86
C SER A 240 16.36 11.71 9.91
N PHE A 241 16.16 12.44 11.00
CA PHE A 241 15.12 13.45 11.09
C PHE A 241 15.79 14.81 11.00
N ASP A 242 16.14 15.20 9.77
CA ASP A 242 16.96 16.39 9.53
C ASP A 242 16.15 17.70 9.40
N PRO A 243 16.72 18.82 9.89
CA PRO A 243 16.08 20.13 9.80
C PRO A 243 16.05 20.69 8.37
N PRO A 244 15.12 21.63 8.10
CA PRO A 244 14.12 22.18 9.02
C PRO A 244 12.77 21.44 8.97
N ASP A 245 12.68 20.38 8.16
CA ASP A 245 11.43 19.67 7.92
C ASP A 245 10.93 18.87 9.11
N TRP A 246 11.85 18.36 9.92
CA TRP A 246 11.49 17.51 11.05
C TRP A 246 11.45 18.24 12.39
N THR A 247 11.97 19.47 12.42
CA THR A 247 12.06 20.28 13.64
C THR A 247 10.74 20.44 14.39
N GLN A 248 9.67 20.76 13.65
CA GLN A 248 8.36 21.04 14.26
C GLN A 248 7.44 19.81 14.34
N VAL A 249 7.88 18.69 13.77
CA VAL A 249 7.16 17.43 13.85
C VAL A 249 7.17 16.93 15.29
N SER A 250 6.02 16.45 15.77
CA SER A 250 5.86 16.01 17.16
C SER A 250 6.81 14.86 17.52
N ASP A 251 7.15 14.76 18.80
CA ASP A 251 8.06 13.73 19.30
C ASP A 251 7.52 12.31 19.13
N GLU A 252 6.22 12.15 19.33
CA GLU A 252 5.55 10.85 19.18
C GLU A 252 5.46 10.38 17.73
N ALA A 253 5.48 11.31 16.79
CA ALA A 253 5.56 10.97 15.37
C ALA A 253 6.91 10.36 15.03
N LYS A 254 7.99 10.96 15.54
CA LYS A 254 9.35 10.46 15.35
C LYS A 254 9.54 9.11 16.03
N GLN A 255 8.95 8.97 17.23
CA GLN A 255 8.96 7.71 17.98
C GLN A 255 8.33 6.57 17.19
N LEU A 256 7.19 6.83 16.57
CA LEU A 256 6.50 5.81 15.77
C LEU A 256 7.27 5.43 14.52
N VAL A 257 7.77 6.43 13.79
CA VAL A 257 8.61 6.19 12.61
C VAL A 257 9.81 5.30 12.95
N LYS A 258 10.46 5.60 14.07
CA LYS A 258 11.57 4.79 14.58
C LYS A 258 11.18 3.34 14.83
N LEU A 259 10.02 3.13 15.44
CA LEU A 259 9.52 1.79 15.74
C LEU A 259 9.14 1.01 14.49
N MET A 260 8.57 1.71 13.52
CA MET A 260 8.19 1.08 12.25
C MET A 260 9.39 0.83 11.35
N LEU A 261 10.43 1.64 11.51
CA LEU A 261 11.67 1.49 10.74
C LEU A 261 12.83 0.88 11.54
N THR A 262 12.51 0.07 12.54
CA THR A 262 13.52 -0.70 13.27
CA THR A 262 13.57 -0.65 13.23
C THR A 262 14.00 -1.83 12.36
N TYR A 263 15.32 -1.99 12.24
CA TYR A 263 15.91 -2.94 11.31
C TYR A 263 15.50 -4.39 11.57
N GLU A 264 15.63 -4.82 12.82
CA GLU A 264 15.22 -6.16 13.24
CA GLU A 264 15.22 -6.16 13.24
C GLU A 264 13.70 -6.33 13.13
N PRO A 265 13.24 -7.29 12.28
CA PRO A 265 11.80 -7.48 12.10
C PRO A 265 11.13 -8.06 13.34
N SER A 266 11.89 -8.86 14.09
CA SER A 266 11.41 -9.45 15.35
C SER A 266 11.21 -8.37 16.41
N LYS A 267 12.03 -7.32 16.36
CA LYS A 267 11.94 -6.20 17.28
C LYS A 267 10.99 -5.12 16.75
N ARG A 268 10.63 -5.23 15.47
CA ARG A 268 9.71 -4.29 14.83
C ARG A 268 8.30 -4.50 15.34
N ILE A 269 7.64 -3.39 15.68
CA ILE A 269 6.25 -3.43 16.14
C ILE A 269 5.32 -3.93 15.04
N SER A 270 4.24 -4.59 15.44
CA SER A 270 3.24 -5.10 14.51
C SER A 270 2.38 -3.96 13.99
N ALA A 271 1.54 -4.26 13.00
CA ALA A 271 0.60 -3.30 12.45
C ALA A 271 -0.42 -2.85 13.50
N GLU A 272 -0.85 -3.79 14.35
CA GLU A 272 -1.81 -3.50 15.41
C GLU A 272 -1.24 -2.60 16.49
N GLU A 273 0.01 -2.84 16.86
CA GLU A 273 0.75 -1.99 17.81
C GLU A 273 0.92 -0.57 17.27
N ALA A 274 1.24 -0.46 15.99
CA ALA A 274 1.36 0.83 15.30
C ALA A 274 0.04 1.58 15.27
N LEU A 275 -1.04 0.83 15.03
CA LEU A 275 -2.40 1.38 15.02
C LEU A 275 -2.80 1.91 16.41
N ASN A 276 -2.33 1.23 17.45
CA ASN A 276 -2.60 1.62 18.85
C ASN A 276 -1.60 2.62 19.44
N HIS A 277 -0.61 3.03 18.66
CA HIS A 277 0.46 3.92 19.13
C HIS A 277 -0.09 5.30 19.53
N PRO A 278 0.47 5.89 20.62
CA PRO A 278 0.13 7.22 21.11
C PRO A 278 -0.08 8.29 20.03
N TRP A 279 0.76 8.29 18.99
CA TRP A 279 0.67 9.30 17.93
C TRP A 279 -0.62 9.21 17.11
N ILE A 280 -1.04 7.98 16.81
CA ILE A 280 -2.31 7.74 16.13
C ILE A 280 -3.46 8.14 17.05
N VAL A 281 -3.42 7.59 18.27
CA VAL A 281 -4.44 7.84 19.30
C VAL A 281 -4.59 9.35 19.59
N LYS A 282 -3.46 10.05 19.69
CA LYS A 282 -3.43 11.49 19.94
C LYS A 282 -4.14 12.28 18.83
N PHE A 283 -3.60 12.20 17.61
CA PHE A 283 -4.07 13.03 16.49
C PHE A 283 -5.39 12.60 15.86
N CYS A 284 -5.84 11.38 16.17
CA CYS A 284 -7.14 10.89 15.67
C CYS A 284 -8.28 11.08 16.68
N SER A 285 -7.94 11.47 17.90
CA SER A 285 -8.93 11.89 18.89
C SER A 285 -8.94 13.42 19.03
N GLN A 286 -8.37 14.08 18.02
CA GLN A 286 -8.32 15.55 17.89
C GLN A 286 -7.33 16.23 18.85
N LYS A 287 -6.04 15.95 18.64
CA LYS A 287 -4.97 16.65 19.35
C LYS A 287 -3.80 16.94 18.41
#